data_5JW7
#
_entry.id   5JW7
#
_cell.length_a   71.015
_cell.length_b   71.015
_cell.length_c   122.944
_cell.angle_alpha   90.00
_cell.angle_beta   90.00
_cell.angle_gamma   120.00
#
_symmetry.space_group_name_H-M   'P 31 1 2'
#
loop_
_entity.id
_entity.type
_entity.pdbx_description
1 polymer 'E3 ubiquitin-protein ligase SopA'
2 polymer 'E3 ubiquitin-protein ligase TRIM56'
3 non-polymer 'ZINC ION'
4 water water
#
loop_
_entity_poly.entity_id
_entity_poly.type
_entity_poly.pdbx_seq_one_letter_code
_entity_poly.pdbx_strand_id
1 'polypeptide(L)'
;GSGSENLYFQGGSGSATSSPSSPADWAKKLTDAVLRQKAGETLTAADRDFSNADFRNITFSKILPPSFMERDGDIIKGFN
FSNSKFTYSDISHLHFDECRFTYSTLSDVVCSNTKFSNSDMNEVFLQYSITTQQQPSFIDTTLKNTLIRHKANLSGVILN
EPDNSSPPSVSGGGNFIRLGDIWLQMPLLWTENAVDGFLNHEHNNGKSILMTIDSLPDKYSQEKVQAMEDLVKSLRGGRL
TEACIRPVESSLVSVLAHPPYTQSALISEWLGPVQERFLEAL
;
A
2 'polypeptide(L)'
;MVSHGSSPSLLEALSSDFLACKICLEQLRAPKTLPCLHTYCQDCLAQLADGGRVRCPECRETVPVPPEGVASFKTNFFVN
GLLDLVKARACGD
;
B
#
# COMPACT_ATOMS: atom_id res chain seq x y z
N PRO A 20 11.46 -12.77 -26.18
CA PRO A 20 11.07 -13.10 -24.80
C PRO A 20 9.55 -13.11 -24.63
N SER A 21 8.97 -14.29 -24.51
CA SER A 21 7.51 -14.45 -24.42
C SER A 21 7.04 -14.83 -23.03
N SER A 22 7.99 -15.12 -22.13
CA SER A 22 7.66 -15.51 -20.76
C SER A 22 8.63 -14.89 -19.77
N PRO A 23 8.23 -14.83 -18.48
CA PRO A 23 9.04 -14.20 -17.43
C PRO A 23 10.48 -14.72 -17.35
N ALA A 24 10.67 -16.01 -17.58
CA ALA A 24 12.00 -16.61 -17.54
C ALA A 24 12.90 -15.94 -18.57
N ASP A 25 12.37 -15.70 -19.76
CA ASP A 25 13.12 -15.03 -20.81
C ASP A 25 13.43 -13.59 -20.43
N TRP A 26 12.43 -12.89 -19.91
CA TRP A 26 12.61 -11.51 -19.47
C TRP A 26 13.61 -11.43 -18.32
N ALA A 27 13.54 -12.41 -17.43
CA ALA A 27 14.46 -12.49 -16.31
C ALA A 27 15.90 -12.59 -16.81
N LYS A 28 16.14 -13.55 -17.71
CA LYS A 28 17.46 -13.76 -18.28
C LYS A 28 17.93 -12.55 -19.08
N LYS A 29 17.00 -11.94 -19.81
CA LYS A 29 17.30 -10.76 -20.60
C LYS A 29 17.78 -9.62 -19.71
N LEU A 30 17.05 -9.37 -18.62
CA LEU A 30 17.48 -8.40 -17.62
C LEU A 30 18.78 -8.88 -17.00
N THR A 31 18.77 -10.10 -16.47
CA THR A 31 19.93 -10.70 -15.81
C THR A 31 21.24 -10.60 -16.62
N ASP A 32 21.11 -10.67 -17.94
CA ASP A 32 22.23 -10.41 -18.83
C ASP A 32 22.48 -8.90 -18.95
N ALA A 33 21.40 -8.13 -19.09
CA ALA A 33 21.50 -6.68 -19.27
C ALA A 33 21.98 -5.98 -18.00
N VAL A 34 21.51 -6.46 -16.85
CA VAL A 34 21.90 -5.90 -15.55
C VAL A 34 23.38 -6.17 -15.30
N LEU A 35 23.82 -7.36 -15.68
CA LEU A 35 25.20 -7.77 -15.44
C LEU A 35 26.16 -6.88 -16.23
N ARG A 36 25.80 -6.57 -17.47
CA ARG A 36 26.57 -5.64 -18.28
C ARG A 36 26.62 -4.26 -17.62
N GLN A 37 25.67 -4.00 -16.73
CA GLN A 37 25.67 -2.80 -15.90
C GLN A 37 26.31 -3.13 -14.55
N LYS A 38 27.38 -3.92 -14.61
CA LYS A 38 28.11 -4.34 -13.41
C LYS A 38 28.83 -3.20 -12.65
N ALA A 39 29.61 -2.36 -13.31
CA ALA A 39 29.74 -2.28 -14.77
C ALA A 39 31.20 -2.07 -15.18
N GLY A 40 31.54 -2.19 -16.46
CA GLY A 40 30.64 -2.59 -17.54
C GLY A 40 30.09 -1.41 -18.33
N GLU A 41 30.45 -0.20 -17.93
CA GLU A 41 29.89 1.01 -18.54
C GLU A 41 30.33 1.14 -20.00
N THR A 42 29.46 1.64 -20.90
CA THR A 42 28.10 2.08 -20.62
C THR A 42 27.13 1.33 -21.54
N LEU A 43 25.83 1.50 -21.30
CA LEU A 43 24.81 0.72 -22.01
C LEU A 43 24.02 1.57 -23.00
N THR A 44 23.74 1.01 -24.17
CA THR A 44 22.93 1.67 -25.18
C THR A 44 21.47 1.80 -24.75
N ALA A 45 20.81 2.86 -25.21
CA ALA A 45 19.43 3.13 -24.83
C ALA A 45 18.49 1.99 -25.23
N ALA A 46 18.60 1.55 -26.48
CA ALA A 46 17.70 0.53 -27.02
C ALA A 46 17.74 -0.77 -26.22
N ASP A 47 18.91 -1.14 -25.73
CA ASP A 47 19.09 -2.35 -24.95
C ASP A 47 18.61 -2.15 -23.52
N ARG A 48 18.47 -0.88 -23.12
CA ARG A 48 18.07 -0.53 -21.76
C ARG A 48 16.56 -0.55 -21.58
N ASP A 49 15.83 -0.45 -22.69
N ASP A 49 15.84 -0.47 -22.70
CA ASP A 49 14.37 -0.40 -22.65
CA ASP A 49 14.38 -0.41 -22.66
C ASP A 49 13.74 -1.78 -22.43
C ASP A 49 13.75 -1.79 -22.43
N PHE A 50 12.88 -1.87 -21.42
CA PHE A 50 12.15 -3.10 -21.11
C PHE A 50 10.64 -2.84 -21.20
N SER A 51 10.24 -2.10 -22.23
CA SER A 51 8.83 -1.77 -22.43
C SER A 51 8.00 -3.04 -22.56
N ASN A 52 6.85 -3.04 -21.89
CA ASN A 52 5.91 -4.16 -21.95
C ASN A 52 6.53 -5.47 -21.45
N ALA A 53 7.45 -5.36 -20.49
CA ALA A 53 8.10 -6.53 -19.93
C ALA A 53 7.12 -7.41 -19.17
N ASP A 54 7.63 -8.50 -18.61
CA ASP A 54 6.80 -9.45 -17.86
C ASP A 54 7.67 -10.16 -16.84
N PHE A 55 7.48 -9.83 -15.56
CA PHE A 55 8.31 -10.36 -14.49
C PHE A 55 7.49 -11.06 -13.40
N ARG A 56 6.31 -11.55 -13.75
CA ARG A 56 5.43 -12.20 -12.78
C ARG A 56 6.11 -13.41 -12.12
N ASN A 57 5.90 -13.55 -10.82
CA ASN A 57 6.39 -14.71 -10.05
C ASN A 57 7.91 -14.84 -10.03
N ILE A 58 8.62 -13.75 -10.32
CA ILE A 58 10.08 -13.79 -10.34
C ILE A 58 10.68 -13.29 -9.03
N THR A 59 11.60 -14.09 -8.49
CA THR A 59 12.39 -13.70 -7.31
C THR A 59 13.75 -13.21 -7.78
N PHE A 60 14.00 -11.91 -7.63
CA PHE A 60 15.14 -11.26 -8.26
C PHE A 60 16.49 -11.64 -7.67
N SER A 61 16.56 -11.86 -6.36
CA SER A 61 17.81 -12.18 -5.70
C SER A 61 18.42 -13.46 -6.24
N LYS A 62 17.57 -14.47 -6.46
CA LYS A 62 18.02 -15.76 -6.96
C LYS A 62 18.75 -15.63 -8.30
N ILE A 63 18.38 -14.62 -9.07
CA ILE A 63 18.96 -14.43 -10.40
C ILE A 63 20.12 -13.44 -10.40
N LEU A 64 20.28 -12.69 -9.31
CA LEU A 64 21.14 -11.51 -9.31
C LEU A 64 22.06 -11.42 -8.07
N PRO A 65 23.05 -10.52 -8.08
CA PRO A 65 24.05 -10.54 -7.01
C PRO A 65 23.58 -9.84 -5.74
N PRO A 66 24.14 -10.21 -4.58
CA PRO A 66 23.79 -9.52 -3.33
C PRO A 66 24.25 -8.06 -3.33
N SER A 67 25.20 -7.73 -4.20
CA SER A 67 25.62 -6.34 -4.36
C SER A 67 24.41 -5.50 -4.75
N PHE A 68 23.70 -5.93 -5.79
CA PHE A 68 22.52 -5.22 -6.24
C PHE A 68 21.40 -5.25 -5.19
N MET A 69 21.50 -6.15 -4.23
CA MET A 69 20.41 -6.43 -3.29
C MET A 69 20.81 -6.32 -1.82
N GLU A 70 21.53 -5.26 -1.45
CA GLU A 70 21.85 -5.02 -0.04
C GLU A 70 22.70 -3.78 0.19
N ARG A 71 22.34 -3.03 1.23
CA ARG A 71 23.16 -1.92 1.72
C ARG A 71 23.43 -0.87 0.64
N ASP A 72 24.68 -0.42 0.54
CA ASP A 72 25.08 0.61 -0.40
C ASP A 72 25.63 0.02 -1.69
N GLY A 73 25.11 -1.15 -2.07
CA GLY A 73 25.69 -1.92 -3.17
C GLY A 73 25.36 -1.42 -4.56
N ASP A 74 24.98 -2.34 -5.44
CA ASP A 74 24.83 -2.05 -6.86
C ASP A 74 23.51 -1.35 -7.18
N ILE A 75 23.51 -0.61 -8.29
CA ILE A 75 22.38 0.23 -8.69
C ILE A 75 21.86 -0.16 -10.07
N ILE A 76 20.53 -0.17 -10.21
CA ILE A 76 19.88 -0.43 -11.49
C ILE A 76 19.49 0.91 -12.11
N LYS A 77 20.34 1.43 -12.99
CA LYS A 77 20.23 2.81 -13.47
C LYS A 77 19.84 2.94 -14.94
N GLY A 78 18.88 3.82 -15.21
CA GLY A 78 18.58 4.26 -16.56
C GLY A 78 17.65 3.35 -17.37
N PHE A 79 16.94 2.46 -16.70
CA PHE A 79 16.08 1.50 -17.38
C PHE A 79 14.69 2.03 -17.67
N ASN A 80 13.95 1.30 -18.50
CA ASN A 80 12.56 1.59 -18.78
C ASN A 80 11.68 0.35 -18.68
N PHE A 81 10.92 0.27 -17.60
CA PHE A 81 10.04 -0.88 -17.35
C PHE A 81 8.59 -0.50 -17.56
N SER A 82 8.33 0.34 -18.55
CA SER A 82 6.98 0.82 -18.83
C SER A 82 6.06 -0.32 -19.28
N ASN A 83 4.80 -0.24 -18.88
CA ASN A 83 3.79 -1.24 -19.27
C ASN A 83 4.16 -2.66 -18.86
N SER A 84 5.11 -2.80 -17.93
CA SER A 84 5.56 -4.11 -17.49
C SER A 84 4.58 -4.73 -16.49
N LYS A 85 4.89 -5.93 -16.01
CA LYS A 85 3.99 -6.64 -15.11
C LYS A 85 4.74 -7.39 -13.99
N PHE A 86 5.05 -6.66 -12.92
CA PHE A 86 5.59 -7.27 -11.70
C PHE A 86 4.44 -7.76 -10.83
N THR A 87 4.08 -9.04 -10.93
CA THR A 87 2.96 -9.56 -10.15
C THR A 87 3.36 -10.85 -9.43
N TYR A 88 3.23 -10.83 -8.11
CA TYR A 88 3.67 -11.93 -7.25
C TYR A 88 5.19 -12.11 -7.33
N SER A 89 5.87 -11.11 -7.88
CA SER A 89 7.33 -11.12 -7.94
C SER A 89 7.88 -10.56 -6.63
N ASP A 90 9.14 -10.90 -6.34
CA ASP A 90 9.81 -10.39 -5.16
C ASP A 90 10.95 -9.47 -5.58
N ILE A 91 10.88 -8.22 -5.11
CA ILE A 91 11.73 -7.14 -5.61
C ILE A 91 12.37 -6.40 -4.43
N SER A 92 12.37 -7.05 -3.26
CA SER A 92 12.82 -6.42 -2.01
C SER A 92 14.30 -6.06 -2.01
N HIS A 93 14.63 -4.99 -1.30
CA HIS A 93 16.02 -4.60 -1.01
C HIS A 93 16.82 -4.10 -2.22
N LEU A 94 16.16 -4.02 -3.38
CA LEU A 94 16.83 -3.49 -4.58
C LEU A 94 16.78 -1.97 -4.60
N HIS A 95 17.57 -1.37 -5.48
CA HIS A 95 17.59 0.07 -5.65
C HIS A 95 17.52 0.43 -7.14
N PHE A 96 16.47 1.16 -7.51
CA PHE A 96 16.29 1.63 -8.87
C PHE A 96 16.47 3.15 -8.94
N ASP A 97 17.21 3.59 -9.94
CA ASP A 97 17.47 5.02 -10.16
C ASP A 97 17.30 5.35 -11.64
N GLU A 98 16.72 6.51 -11.92
CA GLU A 98 16.48 6.94 -13.30
C GLU A 98 15.68 5.90 -14.09
N CYS A 99 14.72 5.27 -13.43
CA CYS A 99 13.90 4.23 -14.06
C CYS A 99 12.48 4.71 -14.34
N ARG A 100 11.86 4.11 -15.36
CA ARG A 100 10.45 4.35 -15.70
C ARG A 100 9.62 3.09 -15.46
N PHE A 101 8.65 3.19 -14.56
CA PHE A 101 7.73 2.11 -14.26
C PHE A 101 6.31 2.47 -14.69
N THR A 102 6.21 3.46 -15.58
CA THR A 102 4.92 4.03 -15.96
C THR A 102 3.97 2.95 -16.49
N TYR A 103 2.74 2.97 -15.98
CA TYR A 103 1.63 2.11 -16.44
C TYR A 103 1.77 0.65 -16.02
N SER A 104 2.86 0.30 -15.35
CA SER A 104 3.06 -1.09 -14.94
C SER A 104 2.11 -1.46 -13.80
N THR A 105 1.97 -2.75 -13.54
CA THR A 105 1.25 -3.25 -12.39
C THR A 105 2.24 -3.91 -11.42
N LEU A 106 2.37 -3.34 -10.22
CA LEU A 106 3.20 -3.92 -9.18
C LEU A 106 2.31 -4.49 -8.09
N SER A 107 1.07 -4.81 -8.44
CA SER A 107 0.13 -5.39 -7.47
C SER A 107 0.69 -6.70 -6.94
N ASP A 108 0.61 -6.89 -5.63
CA ASP A 108 0.99 -8.14 -4.96
C ASP A 108 2.49 -8.45 -5.09
N VAL A 109 3.28 -7.45 -5.46
CA VAL A 109 4.74 -7.59 -5.45
C VAL A 109 5.22 -7.63 -3.99
N VAL A 110 6.41 -8.18 -3.78
CA VAL A 110 7.08 -8.09 -2.48
C VAL A 110 8.30 -7.18 -2.63
N CYS A 111 8.14 -5.95 -2.15
CA CYS A 111 9.16 -4.91 -2.25
C CYS A 111 9.64 -4.43 -0.87
N SER A 112 9.96 -5.37 0.02
CA SER A 112 10.42 -4.99 1.37
C SER A 112 11.71 -4.17 1.33
N ASN A 113 11.60 -2.93 1.77
CA ASN A 113 12.73 -1.99 1.77
C ASN A 113 13.33 -1.82 0.38
N THR A 114 12.48 -1.73 -0.63
CA THR A 114 12.93 -1.44 -1.98
C THR A 114 13.07 0.07 -2.15
N LYS A 115 14.16 0.51 -2.77
CA LYS A 115 14.43 1.94 -2.96
C LYS A 115 14.16 2.35 -4.41
N PHE A 116 13.48 3.47 -4.58
CA PHE A 116 13.20 4.04 -5.89
C PHE A 116 13.69 5.48 -5.95
N SER A 117 14.78 5.70 -6.68
CA SER A 117 15.39 7.04 -6.79
C SER A 117 15.12 7.67 -8.14
N ASN A 118 14.97 8.99 -8.16
CA ASN A 118 14.81 9.77 -9.40
C ASN A 118 14.00 9.06 -10.48
N SER A 119 12.93 8.39 -10.09
CA SER A 119 12.20 7.49 -10.97
C SER A 119 10.77 7.97 -11.27
N ASP A 120 10.14 7.32 -12.24
CA ASP A 120 8.75 7.58 -12.59
C ASP A 120 7.91 6.35 -12.30
N MET A 121 6.91 6.51 -11.45
CA MET A 121 5.99 5.44 -11.11
C MET A 121 4.56 5.95 -11.18
N ASN A 122 4.28 6.76 -12.19
CA ASN A 122 2.95 7.32 -12.40
C ASN A 122 2.02 6.31 -13.08
N GLU A 123 0.75 6.36 -12.71
CA GLU A 123 -0.26 5.49 -13.32
C GLU A 123 0.09 4.03 -13.07
N VAL A 124 0.48 3.72 -11.83
CA VAL A 124 0.93 2.39 -11.46
C VAL A 124 -0.01 1.78 -10.42
N PHE A 125 -0.04 0.45 -10.35
CA PHE A 125 -0.72 -0.27 -9.29
C PHE A 125 0.33 -0.75 -8.29
N LEU A 126 0.30 -0.18 -7.08
CA LEU A 126 1.33 -0.44 -6.09
C LEU A 126 0.73 -0.96 -4.78
N GLN A 127 -0.48 -1.50 -4.85
CA GLN A 127 -1.09 -2.14 -3.68
C GLN A 127 -0.45 -3.50 -3.47
N TYR A 128 0.82 -3.48 -3.07
CA TYR A 128 1.60 -4.69 -2.90
C TYR A 128 1.01 -5.64 -1.86
N SER A 129 1.49 -6.88 -1.85
CA SER A 129 0.99 -7.88 -0.92
C SER A 129 1.47 -7.59 0.50
N ILE A 130 0.71 -8.03 1.50
CA ILE A 130 1.02 -7.73 2.90
C ILE A 130 2.35 -8.34 3.35
N THR A 131 2.75 -9.41 2.66
CA THR A 131 3.98 -10.14 2.96
C THR A 131 5.18 -9.20 3.10
N THR A 132 5.13 -8.10 2.37
CA THR A 132 6.17 -7.08 2.42
C THR A 132 6.39 -6.59 3.86
N GLN A 133 7.63 -6.72 4.33
CA GLN A 133 7.99 -6.43 5.71
C GLN A 133 8.30 -4.95 5.94
N GLN A 134 9.33 -4.46 5.24
CA GLN A 134 9.79 -3.08 5.41
C GLN A 134 9.14 -2.16 4.37
N GLN A 135 8.70 -0.99 4.83
CA GLN A 135 8.07 0.00 3.95
C GLN A 135 8.90 0.29 2.71
N PRO A 136 8.26 0.38 1.53
CA PRO A 136 9.02 0.83 0.36
C PRO A 136 9.41 2.30 0.52
N SER A 137 10.55 2.68 -0.04
CA SER A 137 11.03 4.06 0.05
C SER A 137 11.18 4.69 -1.32
N PHE A 138 10.58 5.87 -1.48
CA PHE A 138 10.59 6.61 -2.73
C PHE A 138 11.23 7.98 -2.52
N ILE A 139 12.27 8.26 -3.29
CA ILE A 139 13.02 9.50 -3.18
C ILE A 139 13.15 10.15 -4.56
N ASP A 140 12.77 11.42 -4.64
CA ASP A 140 12.79 12.17 -5.89
C ASP A 140 12.00 11.44 -6.97
N THR A 141 10.93 10.77 -6.54
CA THR A 141 10.14 9.89 -7.39
C THR A 141 8.70 10.38 -7.43
N THR A 142 8.04 10.17 -8.57
CA THR A 142 6.66 10.58 -8.77
C THR A 142 5.71 9.39 -8.69
N LEU A 143 4.63 9.58 -7.94
CA LEU A 143 3.58 8.57 -7.77
C LEU A 143 2.25 9.11 -8.30
N LYS A 144 2.31 9.86 -9.40
CA LYS A 144 1.12 10.50 -9.95
C LYS A 144 0.06 9.49 -10.36
N ASN A 145 -1.14 9.64 -9.82
CA ASN A 145 -2.26 8.77 -10.12
C ASN A 145 -1.92 7.30 -9.85
N THR A 146 -0.90 7.09 -9.02
CA THR A 146 -0.47 5.76 -8.62
C THR A 146 -1.15 5.37 -7.32
N LEU A 147 -1.84 4.24 -7.34
CA LEU A 147 -2.48 3.73 -6.15
C LEU A 147 -1.49 2.90 -5.34
N ILE A 148 -1.02 3.47 -4.23
CA ILE A 148 -0.07 2.80 -3.36
C ILE A 148 -0.76 2.29 -2.10
N ARG A 149 -0.20 1.25 -1.49
CA ARG A 149 -0.71 0.77 -0.22
C ARG A 149 -0.36 1.78 0.86
N HIS A 150 -1.24 1.92 1.83
CA HIS A 150 -1.14 2.98 2.83
C HIS A 150 0.09 2.88 3.73
N LYS A 151 0.89 1.82 3.59
CA LYS A 151 2.11 1.68 4.37
C LYS A 151 3.35 1.89 3.52
N ALA A 152 3.85 3.12 3.46
CA ALA A 152 5.00 3.43 2.62
C ALA A 152 5.79 4.62 3.15
N ASN A 153 7.03 4.73 2.69
CA ASN A 153 7.90 5.85 3.04
C ASN A 153 8.01 6.83 1.88
N LEU A 154 7.26 7.92 1.99
CA LEU A 154 7.16 8.90 0.91
C LEU A 154 8.03 10.13 1.15
N SER A 155 8.98 10.02 2.06
CA SER A 155 9.91 11.12 2.34
C SER A 155 10.87 11.28 1.16
N GLY A 156 10.60 12.26 0.31
CA GLY A 156 11.40 12.51 -0.87
C GLY A 156 10.57 12.53 -2.14
N VAL A 157 9.30 12.13 -2.02
CA VAL A 157 8.39 12.06 -3.15
C VAL A 157 8.13 13.45 -3.72
N ILE A 158 7.96 13.52 -5.04
CA ILE A 158 7.57 14.75 -5.71
C ILE A 158 6.07 14.70 -5.96
N LEU A 159 5.39 15.81 -5.67
CA LEU A 159 3.95 15.92 -5.90
C LEU A 159 3.65 16.96 -6.96
N ASN A 160 2.59 16.72 -7.73
CA ASN A 160 2.12 17.66 -8.74
C ASN A 160 0.62 17.83 -8.63
N GLU A 161 0.09 18.85 -9.30
CA GLU A 161 -1.32 19.20 -9.16
C GLU A 161 -2.23 18.06 -9.64
N PRO A 162 -3.28 17.73 -8.85
CA PRO A 162 -4.13 16.61 -9.25
C PRO A 162 -5.00 16.92 -10.47
N ASP A 163 -4.95 16.03 -11.46
CA ASP A 163 -5.86 16.13 -12.59
C ASP A 163 -7.23 15.61 -12.15
N ASN A 164 -8.24 15.79 -13.00
CA ASN A 164 -9.57 15.26 -12.74
C ASN A 164 -9.64 13.77 -13.12
N SER A 165 -8.58 13.03 -12.80
CA SER A 165 -8.49 11.61 -13.14
C SER A 165 -9.46 10.80 -12.29
N SER A 166 -9.34 9.48 -12.36
CA SER A 166 -10.18 8.60 -11.55
C SER A 166 -9.33 7.47 -10.98
N PRO A 167 -9.69 6.98 -9.78
CA PRO A 167 -8.91 5.91 -9.17
C PRO A 167 -8.92 4.66 -10.04
N PRO A 168 -7.83 3.88 -10.03
CA PRO A 168 -7.84 2.63 -10.80
C PRO A 168 -8.98 1.73 -10.34
N SER A 169 -9.61 1.03 -11.28
CA SER A 169 -10.69 0.12 -10.94
C SER A 169 -10.12 -1.08 -10.17
N VAL A 170 -10.53 -1.21 -8.91
CA VAL A 170 -10.08 -2.31 -8.07
C VAL A 170 -11.27 -3.03 -7.48
N SER A 171 -11.04 -4.26 -7.02
CA SER A 171 -12.10 -5.06 -6.42
C SER A 171 -11.95 -5.11 -4.90
N GLY A 172 -13.03 -4.87 -4.19
CA GLY A 172 -13.00 -4.84 -2.73
C GLY A 172 -12.48 -3.51 -2.24
N GLY A 173 -12.35 -3.38 -0.92
CA GLY A 173 -11.88 -2.14 -0.32
C GLY A 173 -12.96 -1.09 -0.26
N GLY A 174 -12.60 0.11 0.15
CA GLY A 174 -13.54 1.21 0.31
C GLY A 174 -13.32 2.29 -0.71
N ASN A 175 -13.65 3.53 -0.34
CA ASN A 175 -13.49 4.67 -1.22
C ASN A 175 -12.04 5.14 -1.24
N PHE A 176 -11.74 6.08 -2.14
CA PHE A 176 -10.38 6.57 -2.31
C PHE A 176 -10.25 8.01 -1.84
N ILE A 177 -9.08 8.34 -1.31
CA ILE A 177 -8.73 9.73 -1.00
C ILE A 177 -7.44 10.06 -1.74
N ARG A 178 -7.18 11.34 -1.92
CA ARG A 178 -5.96 11.78 -2.58
C ARG A 178 -4.91 12.22 -1.58
N LEU A 179 -3.70 11.69 -1.74
CA LEU A 179 -2.53 12.18 -1.05
C LEU A 179 -1.68 12.90 -2.09
N GLY A 180 -1.85 14.21 -2.17
CA GLY A 180 -1.26 14.97 -3.26
C GLY A 180 -1.94 14.55 -4.55
N ASP A 181 -1.19 13.88 -5.43
CA ASP A 181 -1.76 13.28 -6.63
C ASP A 181 -1.71 11.76 -6.55
N ILE A 182 -1.42 11.26 -5.35
CA ILE A 182 -1.38 9.81 -5.09
C ILE A 182 -2.75 9.32 -4.65
N TRP A 183 -3.12 8.12 -5.08
CA TRP A 183 -4.37 7.51 -4.65
C TRP A 183 -4.15 6.70 -3.38
N LEU A 184 -5.08 6.83 -2.43
CA LEU A 184 -5.09 6.01 -1.24
C LEU A 184 -6.50 5.45 -1.04
N GLN A 185 -6.59 4.14 -0.83
CA GLN A 185 -7.87 3.48 -0.71
C GLN A 185 -8.22 3.19 0.75
N MET A 186 -9.31 3.79 1.22
CA MET A 186 -9.81 3.54 2.56
C MET A 186 -10.33 2.11 2.64
N PRO A 187 -10.47 1.56 3.86
CA PRO A 187 -11.11 0.25 3.98
C PRO A 187 -12.62 0.36 3.74
N LEU A 188 -13.28 -0.76 3.53
CA LEU A 188 -14.72 -0.74 3.28
C LEU A 188 -15.46 -0.32 4.56
N LEU A 189 -15.10 -0.96 5.67
CA LEU A 189 -15.62 -0.60 6.98
C LEU A 189 -14.48 -0.54 7.98
N TRP A 190 -14.54 0.42 8.89
CA TRP A 190 -13.52 0.57 9.91
C TRP A 190 -13.70 -0.47 11.02
N THR A 191 -13.09 -1.63 10.82
CA THR A 191 -13.14 -2.72 11.79
C THR A 191 -11.84 -2.78 12.59
N GLU A 192 -11.71 -3.82 13.42
CA GLU A 192 -10.56 -3.94 14.33
C GLU A 192 -9.22 -3.99 13.58
N ASN A 193 -9.13 -4.85 12.58
CA ASN A 193 -7.89 -5.01 11.83
C ASN A 193 -7.70 -3.82 10.89
N ALA A 194 -8.81 -3.31 10.36
CA ALA A 194 -8.78 -2.12 9.53
C ALA A 194 -8.12 -0.99 10.32
N VAL A 195 -8.72 -0.67 11.46
CA VAL A 195 -8.18 0.34 12.36
C VAL A 195 -6.73 0.04 12.73
N ASP A 196 -6.44 -1.23 13.02
CA ASP A 196 -5.11 -1.63 13.46
C ASP A 196 -4.06 -1.36 12.38
N GLY A 197 -4.24 -1.99 11.23
CA GLY A 197 -3.28 -1.88 10.15
C GLY A 197 -3.13 -0.46 9.63
N PHE A 198 -4.23 0.29 9.60
CA PHE A 198 -4.22 1.65 9.08
C PHE A 198 -3.67 2.66 10.07
N LEU A 199 -4.02 2.51 11.36
CA LEU A 199 -3.71 3.52 12.36
C LEU A 199 -2.62 3.11 13.36
N ASN A 200 -2.63 1.86 13.79
CA ASN A 200 -1.71 1.42 14.83
C ASN A 200 -0.30 1.17 14.29
N HIS A 201 0.55 2.21 14.33
CA HIS A 201 1.95 2.08 13.92
C HIS A 201 2.83 1.67 15.09
N GLU A 202 2.25 1.61 16.28
CA GLU A 202 3.00 1.22 17.48
C GLU A 202 3.15 -0.29 17.54
N HIS A 203 2.04 -1.00 17.33
CA HIS A 203 2.08 -2.45 17.24
C HIS A 203 2.77 -2.89 15.95
N ASN A 204 2.59 -2.11 14.89
CA ASN A 204 3.14 -2.43 13.57
C ASN A 204 4.41 -1.64 13.26
N ASN A 205 5.15 -1.30 14.31
CA ASN A 205 6.49 -0.70 14.21
C ASN A 205 6.66 0.35 13.11
N GLY A 206 6.01 1.49 13.27
CA GLY A 206 6.26 2.64 12.43
C GLY A 206 5.48 2.67 11.12
N LYS A 207 4.65 1.66 10.90
CA LYS A 207 3.86 1.55 9.66
C LYS A 207 2.38 1.87 9.89
N SER A 208 1.88 2.84 9.14
CA SER A 208 0.46 3.24 9.20
C SER A 208 0.18 4.23 8.10
N ILE A 209 -1.10 4.51 7.84
CA ILE A 209 -1.46 5.53 6.86
C ILE A 209 -1.15 6.90 7.46
N LEU A 210 -1.18 6.99 8.79
CA LEU A 210 -0.80 8.22 9.47
C LEU A 210 0.66 8.55 9.20
N MET A 211 1.52 7.57 9.43
CA MET A 211 2.95 7.73 9.21
C MET A 211 3.24 7.96 7.73
N THR A 212 2.41 7.37 6.87
CA THR A 212 2.60 7.48 5.42
C THR A 212 2.24 8.86 4.90
N ILE A 213 1.16 9.43 5.43
CA ILE A 213 0.79 10.79 5.06
C ILE A 213 1.81 11.77 5.60
N ASP A 214 2.18 11.59 6.87
CA ASP A 214 3.13 12.48 7.54
C ASP A 214 4.55 12.27 7.02
N SER A 215 4.80 11.11 6.42
CA SER A 215 6.12 10.78 5.87
C SER A 215 6.61 11.84 4.89
N LEU A 216 5.68 12.52 4.22
CA LEU A 216 6.03 13.52 3.20
C LEU A 216 6.96 14.59 3.75
N PRO A 217 7.75 15.23 2.85
CA PRO A 217 8.59 16.34 3.28
C PRO A 217 7.73 17.54 3.70
N ASP A 218 8.26 18.36 4.60
CA ASP A 218 7.54 19.50 5.15
C ASP A 218 7.06 20.47 4.07
N LYS A 219 7.68 20.39 2.89
CA LYS A 219 7.33 21.24 1.77
C LYS A 219 5.85 21.13 1.41
N TYR A 220 5.33 19.90 1.41
CA TYR A 220 3.94 19.64 1.04
C TYR A 220 3.03 19.61 2.26
N SER A 221 3.13 20.63 3.10
CA SER A 221 2.36 20.70 4.34
C SER A 221 0.86 20.64 4.08
N GLN A 222 0.38 21.47 3.16
CA GLN A 222 -1.04 21.57 2.86
C GLN A 222 -1.59 20.24 2.35
N GLU A 223 -0.82 19.56 1.51
CA GLU A 223 -1.24 18.28 0.95
C GLU A 223 -1.44 17.26 2.07
N LYS A 224 -0.52 17.26 3.03
CA LYS A 224 -0.64 16.35 4.18
C LYS A 224 -1.95 16.58 4.91
N VAL A 225 -2.28 17.84 5.13
CA VAL A 225 -3.43 18.21 5.95
C VAL A 225 -4.73 17.79 5.26
N GLN A 226 -4.85 18.09 3.98
CA GLN A 226 -6.02 17.71 3.21
C GLN A 226 -6.16 16.19 3.16
N ALA A 227 -5.02 15.52 3.05
CA ALA A 227 -4.98 14.07 3.05
C ALA A 227 -5.46 13.56 4.40
N MET A 228 -4.90 14.12 5.47
CA MET A 228 -5.32 13.76 6.82
C MET A 228 -6.77 14.16 7.06
N GLU A 229 -7.15 15.36 6.64
CA GLU A 229 -8.53 15.81 6.76
C GLU A 229 -9.47 14.83 6.06
N ASP A 230 -9.14 14.50 4.81
CA ASP A 230 -9.91 13.51 4.06
C ASP A 230 -9.93 12.16 4.78
N LEU A 231 -8.79 11.78 5.35
CA LEU A 231 -8.70 10.53 6.10
C LEU A 231 -9.65 10.56 7.29
N VAL A 232 -9.70 11.69 7.99
CA VAL A 232 -10.59 11.83 9.14
C VAL A 232 -12.04 11.88 8.67
N LYS A 233 -12.28 12.56 7.56
CA LYS A 233 -13.63 12.66 6.99
C LYS A 233 -14.24 11.27 6.78
N SER A 234 -13.39 10.31 6.45
CA SER A 234 -13.82 8.92 6.30
C SER A 234 -13.98 8.25 7.66
N LEU A 235 -13.23 8.73 8.65
CA LEU A 235 -13.31 8.18 9.99
C LEU A 235 -14.54 8.72 10.75
N ARG A 236 -15.03 9.89 10.37
CA ARG A 236 -16.26 10.43 10.96
C ARG A 236 -17.45 9.58 10.53
N GLY A 237 -17.49 9.29 9.22
CA GLY A 237 -18.60 8.57 8.61
C GLY A 237 -18.88 7.24 9.27
N GLY A 238 -17.82 6.47 9.50
CA GLY A 238 -17.94 5.18 10.16
C GLY A 238 -18.45 5.35 11.57
N ARG A 239 -19.46 4.56 11.94
CA ARG A 239 -19.98 4.59 13.30
C ARG A 239 -18.94 4.01 14.24
N LEU A 240 -18.11 4.88 14.79
CA LEU A 240 -16.98 4.45 15.61
C LEU A 240 -17.30 4.45 17.09
N THR A 241 -16.54 3.67 17.83
CA THR A 241 -16.77 3.46 19.26
C THR A 241 -15.42 3.58 19.95
N GLU A 242 -15.44 4.05 21.20
CA GLU A 242 -14.23 4.16 21.98
C GLU A 242 -13.48 2.84 21.86
N ALA A 243 -14.12 1.78 22.35
CA ALA A 243 -13.59 0.43 22.34
C ALA A 243 -12.76 0.11 21.10
N CYS A 244 -13.21 0.59 19.95
CA CYS A 244 -12.50 0.36 18.70
C CYS A 244 -11.24 1.21 18.59
N ILE A 245 -11.32 2.46 19.08
CA ILE A 245 -10.21 3.39 18.97
C ILE A 245 -9.24 3.27 20.15
N ARG A 246 -9.65 2.61 21.22
CA ARG A 246 -8.82 2.48 22.43
C ARG A 246 -7.39 2.03 22.12
N PRO A 247 -7.23 0.98 21.29
CA PRO A 247 -5.86 0.51 21.05
C PRO A 247 -5.04 1.44 20.16
N VAL A 248 -5.68 2.44 19.54
CA VAL A 248 -4.98 3.34 18.63
C VAL A 248 -5.05 4.81 19.07
N GLU A 249 -5.49 5.05 20.30
CA GLU A 249 -5.51 6.40 20.85
C GLU A 249 -4.10 6.98 20.85
N SER A 250 -3.15 6.24 21.41
CA SER A 250 -1.75 6.66 21.45
C SER A 250 -1.20 6.94 20.06
N SER A 251 -1.55 6.06 19.12
CA SER A 251 -1.05 6.16 17.76
C SER A 251 -1.57 7.41 17.07
N LEU A 252 -2.87 7.65 17.17
CA LEU A 252 -3.49 8.83 16.58
C LEU A 252 -2.86 10.11 17.13
N VAL A 253 -2.71 10.17 18.44
CA VAL A 253 -2.18 11.36 19.10
C VAL A 253 -0.73 11.64 18.71
N SER A 254 0.09 10.60 18.62
CA SER A 254 1.50 10.75 18.33
C SER A 254 1.77 11.53 17.03
N VAL A 255 0.80 11.52 16.13
CA VAL A 255 0.95 12.17 14.82
C VAL A 255 0.04 13.39 14.68
N LEU A 256 -1.21 13.25 15.12
CA LEU A 256 -2.21 14.30 14.90
C LEU A 256 -2.10 15.45 15.89
N ALA A 257 -1.59 15.17 17.08
CA ALA A 257 -1.50 16.19 18.14
C ALA A 257 -0.34 17.16 17.94
N HIS A 258 0.30 17.09 16.78
CA HIS A 258 1.42 17.98 16.47
C HIS A 258 1.18 18.68 15.13
N PRO A 259 1.86 19.81 14.90
CA PRO A 259 1.74 20.47 13.60
C PRO A 259 2.23 19.58 12.47
N PRO A 260 1.72 19.77 11.25
CA PRO A 260 0.75 20.79 10.84
C PRO A 260 -0.70 20.34 10.99
N TYR A 261 -0.96 19.40 11.89
CA TYR A 261 -2.31 18.87 12.06
C TYR A 261 -3.04 19.52 13.24
N THR A 262 -2.36 20.43 13.92
CA THR A 262 -2.95 21.17 15.03
C THR A 262 -3.58 22.48 14.52
N GLN A 263 -3.21 22.87 13.31
CA GLN A 263 -3.79 24.05 12.66
C GLN A 263 -4.98 23.66 11.78
N SER A 264 -5.44 22.43 11.95
CA SER A 264 -6.60 21.92 11.23
C SER A 264 -7.79 21.77 12.16
N ALA A 265 -8.75 22.67 12.04
CA ALA A 265 -9.93 22.66 12.90
C ALA A 265 -10.67 21.33 12.83
N LEU A 266 -10.81 20.81 11.61
CA LEU A 266 -11.50 19.55 11.40
C LEU A 266 -10.84 18.42 12.18
N ILE A 267 -9.53 18.29 11.99
CA ILE A 267 -8.76 17.27 12.69
C ILE A 267 -8.79 17.53 14.19
N SER A 268 -8.67 18.80 14.56
CA SER A 268 -8.62 19.20 15.97
C SER A 268 -9.89 18.84 16.72
N GLU A 269 -11.03 19.28 16.21
CA GLU A 269 -12.32 19.04 16.88
C GLU A 269 -12.67 17.56 16.93
N TRP A 270 -12.07 16.77 16.04
CA TRP A 270 -12.28 15.33 16.04
C TRP A 270 -11.31 14.65 17.00
N LEU A 271 -10.08 15.16 17.03
CA LEU A 271 -9.03 14.60 17.88
C LEU A 271 -9.24 14.93 19.35
N GLY A 272 -9.96 16.02 19.61
CA GLY A 272 -10.17 16.52 20.96
C GLY A 272 -10.56 15.47 21.99
N PRO A 273 -11.76 14.88 21.84
CA PRO A 273 -12.24 13.89 22.81
C PRO A 273 -11.33 12.67 22.90
N VAL A 274 -10.78 12.25 21.76
CA VAL A 274 -9.89 11.09 21.73
C VAL A 274 -8.62 11.40 22.52
N GLN A 275 -8.15 12.64 22.39
CA GLN A 275 -6.94 13.07 23.08
C GLN A 275 -7.13 13.08 24.59
N GLU A 276 -8.34 13.41 25.04
CA GLU A 276 -8.65 13.48 26.46
C GLU A 276 -8.54 12.12 27.15
N ARG A 277 -9.27 11.13 26.64
CA ARG A 277 -9.30 9.80 27.26
C ARG A 277 -7.90 9.22 27.32
N PHE A 278 -7.12 9.48 26.27
CA PHE A 278 -5.74 9.01 26.20
C PHE A 278 -4.94 9.55 27.38
N LEU A 279 -5.18 10.81 27.72
CA LEU A 279 -4.43 11.48 28.77
C LEU A 279 -4.87 11.04 30.16
N GLU A 280 -6.03 10.40 30.25
CA GLU A 280 -6.47 9.78 31.49
C GLU A 280 -5.76 8.45 31.71
N ALA A 281 -4.44 8.51 31.81
CA ALA A 281 -3.63 7.31 32.01
C ALA A 281 -2.18 7.69 32.29
N PHE B 18 -0.97 -11.30 -1.59
CA PHE B 18 -1.87 -12.20 -2.30
C PHE B 18 -3.31 -11.99 -1.87
N LEU B 19 -3.61 -12.29 -0.61
CA LEU B 19 -4.96 -12.19 -0.10
C LEU B 19 -5.00 -11.58 1.30
N ALA B 20 -6.08 -10.83 1.52
CA ALA B 20 -6.33 -10.10 2.76
C ALA B 20 -7.81 -9.81 2.73
N CYS B 21 -8.42 -9.63 3.90
CA CYS B 21 -9.84 -9.31 3.91
C CYS B 21 -10.04 -7.99 3.16
N LYS B 22 -10.96 -8.02 2.20
CA LYS B 22 -11.17 -6.88 1.33
C LYS B 22 -12.19 -5.91 1.93
N ILE B 23 -12.37 -6.01 3.26
CA ILE B 23 -13.06 -4.98 4.02
C ILE B 23 -12.00 -4.18 4.80
N CYS B 24 -11.14 -4.90 5.51
CA CYS B 24 -10.12 -4.28 6.35
C CYS B 24 -8.84 -3.98 5.58
N LEU B 25 -8.63 -4.70 4.48
CA LEU B 25 -7.46 -4.54 3.64
C LEU B 25 -6.15 -4.81 4.38
N GLU B 26 -6.20 -5.75 5.32
CA GLU B 26 -4.99 -6.19 6.02
C GLU B 26 -5.05 -7.72 6.12
N GLN B 27 -3.93 -8.35 6.46
CA GLN B 27 -3.87 -9.81 6.53
C GLN B 27 -5.00 -10.35 7.41
N LEU B 28 -5.52 -11.51 7.04
CA LEU B 28 -6.75 -12.02 7.64
C LEU B 28 -6.52 -12.54 9.04
N ARG B 29 -7.51 -12.33 9.90
CA ARG B 29 -7.51 -12.85 11.26
C ARG B 29 -8.77 -13.69 11.45
N ALA B 30 -8.60 -14.97 11.77
CA ALA B 30 -9.72 -15.88 11.89
C ALA B 30 -10.53 -15.88 10.60
N PRO B 31 -9.91 -16.33 9.49
CA PRO B 31 -10.54 -16.22 8.17
C PRO B 31 -11.81 -17.08 8.06
N LYS B 32 -12.85 -16.53 7.43
CA LYS B 32 -14.09 -17.26 7.18
C LYS B 32 -14.50 -17.10 5.72
N THR B 33 -14.57 -18.22 5.00
CA THR B 33 -14.88 -18.20 3.58
C THR B 33 -16.37 -18.39 3.33
N LEU B 34 -16.94 -17.50 2.52
CA LEU B 34 -18.35 -17.55 2.15
C LEU B 34 -18.60 -18.66 1.12
N PRO B 35 -19.89 -18.94 0.84
CA PRO B 35 -20.25 -20.02 -0.08
C PRO B 35 -20.21 -19.64 -1.57
N CYS B 36 -20.05 -18.37 -1.89
CA CYS B 36 -19.73 -18.00 -3.26
C CYS B 36 -18.29 -18.45 -3.43
N LEU B 37 -17.39 -17.59 -2.98
CA LEU B 37 -16.36 -17.99 -2.03
C LEU B 37 -15.20 -17.05 -2.13
N HIS B 38 -15.21 -16.18 -1.14
CA HIS B 38 -14.15 -15.25 -0.87
C HIS B 38 -13.95 -15.22 0.64
N THR B 39 -12.70 -15.04 1.07
CA THR B 39 -12.34 -15.16 2.47
C THR B 39 -12.06 -13.79 3.09
N TYR B 40 -12.50 -13.63 4.34
CA TYR B 40 -12.34 -12.38 5.07
C TYR B 40 -12.18 -12.65 6.57
N CYS B 41 -11.72 -11.65 7.31
CA CYS B 41 -11.67 -11.71 8.76
C CYS B 41 -13.07 -11.99 9.30
N GLN B 42 -13.15 -12.52 10.51
CA GLN B 42 -14.44 -12.96 11.05
C GLN B 42 -15.31 -11.79 11.49
N ASP B 43 -14.74 -10.85 12.23
CA ASP B 43 -15.49 -9.68 12.66
C ASP B 43 -15.92 -8.88 11.43
N CYS B 44 -15.03 -8.78 10.45
CA CYS B 44 -15.31 -8.09 9.20
C CYS B 44 -16.63 -8.57 8.58
N LEU B 45 -16.93 -9.85 8.74
CA LEU B 45 -18.24 -10.38 8.36
C LEU B 45 -19.30 -9.91 9.35
N ALA B 46 -19.00 -10.04 10.63
CA ALA B 46 -19.96 -9.77 11.70
C ALA B 46 -20.40 -8.31 11.72
N GLN B 47 -19.45 -7.39 11.54
CA GLN B 47 -19.76 -5.96 11.55
C GLN B 47 -20.45 -5.54 10.26
N LEU B 48 -20.07 -6.19 9.16
CA LEU B 48 -20.62 -5.87 7.85
C LEU B 48 -22.08 -6.33 7.73
N ALA B 49 -22.42 -7.37 8.46
CA ALA B 49 -23.78 -7.91 8.43
C ALA B 49 -24.78 -6.94 9.02
N ASP B 50 -25.74 -6.53 8.19
CA ASP B 50 -26.84 -5.68 8.63
C ASP B 50 -28.15 -6.24 8.07
N GLY B 51 -29.19 -6.26 8.90
CA GLY B 51 -30.41 -6.95 8.54
C GLY B 51 -30.13 -8.44 8.44
N GLY B 52 -29.09 -8.88 9.15
CA GLY B 52 -28.64 -10.25 9.08
C GLY B 52 -27.79 -10.52 7.86
N ARG B 53 -28.37 -10.29 6.68
CA ARG B 53 -27.75 -10.66 5.41
C ARG B 53 -26.35 -10.08 5.19
N VAL B 54 -25.60 -10.73 4.31
CA VAL B 54 -24.25 -10.31 3.95
C VAL B 54 -24.01 -10.49 2.46
N ARG B 55 -23.22 -9.58 1.88
CA ARG B 55 -22.85 -9.67 0.47
C ARG B 55 -21.33 -9.62 0.31
N CYS B 56 -20.80 -10.43 -0.58
CA CYS B 56 -19.39 -10.33 -0.95
C CYS B 56 -19.14 -8.95 -1.54
N PRO B 57 -18.11 -8.25 -1.06
CA PRO B 57 -17.87 -6.94 -1.65
C PRO B 57 -17.40 -7.02 -3.10
N GLU B 58 -16.85 -8.17 -3.47
CA GLU B 58 -16.22 -8.32 -4.78
C GLU B 58 -17.25 -8.56 -5.89
N CYS B 59 -18.34 -9.27 -5.58
CA CYS B 59 -19.37 -9.50 -6.59
C CYS B 59 -20.77 -9.20 -6.03
N ARG B 60 -21.35 -10.13 -5.28
CA ARG B 60 -22.74 -9.94 -4.82
C ARG B 60 -23.20 -10.81 -3.63
N GLU B 61 -24.48 -10.63 -3.31
CA GLU B 61 -25.15 -11.10 -2.08
C GLU B 61 -24.98 -12.56 -1.70
N THR B 62 -25.28 -12.84 -0.43
CA THR B 62 -25.05 -14.16 0.14
C THR B 62 -25.92 -14.35 1.40
N VAL B 63 -26.05 -15.59 1.84
CA VAL B 63 -26.87 -15.93 3.02
C VAL B 63 -26.19 -15.61 4.36
N PRO B 64 -26.98 -15.21 5.37
CA PRO B 64 -26.48 -15.15 6.75
C PRO B 64 -26.74 -16.40 7.58
N VAL B 65 -25.78 -16.71 8.46
CA VAL B 65 -25.83 -17.87 9.35
C VAL B 65 -26.32 -17.36 10.72
N PRO B 66 -27.02 -18.20 11.52
CA PRO B 66 -27.65 -17.65 12.73
C PRO B 66 -26.70 -16.84 13.65
N PRO B 67 -25.81 -17.46 14.45
CA PRO B 67 -24.75 -16.54 14.88
C PRO B 67 -23.68 -16.39 13.81
N GLU B 68 -22.87 -15.34 13.90
CA GLU B 68 -21.65 -15.25 13.11
C GLU B 68 -20.58 -16.13 13.76
N GLY B 69 -19.35 -16.06 13.28
CA GLY B 69 -18.30 -16.95 13.79
C GLY B 69 -18.57 -18.37 13.35
N VAL B 70 -19.21 -18.50 12.19
CA VAL B 70 -19.56 -19.77 11.58
C VAL B 70 -19.02 -19.75 10.15
N ALA B 71 -19.23 -20.82 9.41
CA ALA B 71 -18.80 -20.96 8.01
C ALA B 71 -17.31 -21.28 7.95
N SER B 72 -16.93 -22.06 6.96
CA SER B 72 -15.62 -22.71 6.92
C SER B 72 -14.46 -21.75 7.17
N PHE B 73 -13.58 -22.14 8.09
CA PHE B 73 -12.34 -21.43 8.30
C PHE B 73 -11.34 -21.91 7.26
N LYS B 74 -11.04 -21.04 6.31
CA LYS B 74 -10.12 -21.39 5.22
C LYS B 74 -8.78 -21.85 5.77
N THR B 75 -8.00 -22.52 4.92
CA THR B 75 -6.70 -23.04 5.33
C THR B 75 -5.84 -21.94 5.94
N ASN B 76 -5.35 -22.20 7.15
CA ASN B 76 -4.59 -21.22 7.91
C ASN B 76 -3.09 -21.36 7.70
N PHE B 77 -2.45 -20.24 7.39
CA PHE B 77 -1.00 -20.17 7.22
C PHE B 77 -0.47 -18.92 7.92
N PHE B 78 0.75 -18.95 8.46
CA PHE B 78 1.62 -20.13 8.46
C PHE B 78 2.77 -19.91 9.44
#